data_6OBE
#
_entry.id   6OBE
#
_cell.length_a   90.371
_cell.length_b   90.371
_cell.length_c   204.015
_cell.angle_alpha   90.000
_cell.angle_beta   90.000
_cell.angle_gamma   120.000
#
_symmetry.space_group_name_H-M   'P 65 2 2'
#
loop_
_entity.id
_entity.type
_entity.pdbx_description
1 polymer 'Ricin A chain'
2 polymer 'VHH antibody V6H8'
3 non-polymer 'NICKEL (II) ION'
4 non-polymer 1,2-ETHANEDIOL
5 non-polymer IMIDAZOLE
6 water water
#
loop_
_entity_poly.entity_id
_entity_poly.type
_entity_poly.pdbx_seq_one_letter_code
_entity_poly.pdbx_strand_id
1 'polypeptide(L)'
;PKQYPIINFTTAGATVQSYTNFIRAVRGRLTTGADVRHEIPVLPNRVGLPINQRFILVELSNHAELSVTLALDVTNAYVV
GYRAGNSAYFFHPDNQEDAEAITHLFTDVQNRYTFAFGGNYDRLEQLAGNLRENIELGNGPLEEAISALYYYSTGGTQLP
TLARSFIICIQMISEAARFQYIEGEMRTRIRYNRRSAPDPSVITLENSWGRLSTAIQESNQGAFASPIQLQRRNGSKFSV
YDVSILIPIIALMVYRCAPPPSSQF
;
A
2 'polypeptide(L)'
;AQLQLVETGGGLVQAGGSLRLSCAASGSIFSMHAMGWFRQAPGRERELVAVAPTGRPSDYADFAKGRFTISRDNAKNTVS
LQMHSLEPEDTAVYYCNAQLWERYVLNDYWGQGTQVTV
;
B
#
# COMPACT_ATOMS: atom_id res chain seq x y z
N PRO A 1 -17.05 0.04 21.36
CA PRO A 1 -17.87 -0.68 20.39
C PRO A 1 -17.01 -1.12 19.22
N LYS A 2 -17.19 -2.33 18.70
CA LYS A 2 -17.52 -3.53 19.49
C LYS A 2 -19.02 -3.76 19.57
N GLN A 3 -19.73 -2.81 18.98
CA GLN A 3 -20.96 -3.16 18.35
C GLN A 3 -20.73 -3.04 16.85
N TYR A 4 -19.49 -2.71 16.42
CA TYR A 4 -19.18 -2.89 15.00
C TYR A 4 -19.21 -4.40 14.76
N PRO A 5 -19.39 -4.81 13.50
CA PRO A 5 -19.42 -6.24 13.14
C PRO A 5 -18.10 -6.89 13.49
N ILE A 6 -18.14 -8.13 13.98
CA ILE A 6 -16.92 -8.83 14.36
C ILE A 6 -16.77 -10.11 13.54
N ILE A 7 -15.56 -10.40 13.06
CA ILE A 7 -15.29 -11.67 12.39
C ILE A 7 -14.20 -12.32 13.22
N ASN A 8 -14.37 -13.61 13.50
CA ASN A 8 -13.39 -14.34 14.31
C ASN A 8 -12.48 -15.23 13.46
N PHE A 9 -11.19 -15.33 13.82
CA PHE A 9 -10.28 -16.28 13.17
C PHE A 9 -9.33 -16.80 14.22
N THR A 10 -9.01 -18.09 14.19
CA THR A 10 -7.98 -18.60 15.09
C THR A 10 -6.90 -19.31 14.28
N THR A 11 -5.64 -19.13 14.68
CA THR A 11 -4.55 -19.87 14.04
C THR A 11 -4.51 -21.31 14.56
N ALA A 12 -5.21 -21.58 15.66
CA ALA A 12 -5.17 -22.89 16.27
C ALA A 12 -5.90 -23.89 15.39
N GLY A 13 -5.15 -24.77 14.73
CA GLY A 13 -5.76 -25.78 13.87
C GLY A 13 -6.26 -25.18 12.56
N ALA A 14 -5.77 -24.00 12.22
CA ALA A 14 -6.21 -23.32 11.00
C ALA A 14 -5.97 -24.19 9.75
N THR A 15 -6.88 -24.09 8.79
CA THR A 15 -6.78 -24.86 7.55
C THR A 15 -6.95 -23.92 6.36
N VAL A 16 -6.64 -24.42 5.17
CA VAL A 16 -6.94 -23.64 3.98
C VAL A 16 -8.41 -23.20 3.99
N GLN A 17 -9.31 -24.11 4.35
CA GLN A 17 -10.73 -23.78 4.30
C GLN A 17 -11.12 -22.75 5.35
N SER A 18 -10.58 -22.87 6.57
CA SER A 18 -10.97 -21.91 7.62
C SER A 18 -10.44 -20.52 7.29
N TYR A 19 -9.22 -20.47 6.75
CA TYR A 19 -8.65 -19.18 6.32
C TYR A 19 -9.48 -18.56 5.17
N THR A 20 -9.83 -19.38 4.17
CA THR A 20 -10.69 -18.91 3.09
C THR A 20 -12.03 -18.36 3.61
N ASN A 21 -12.65 -19.11 4.51
CA ASN A 21 -13.91 -18.68 5.11
C ASN A 21 -13.77 -17.33 5.78
N PHE A 22 -12.67 -17.15 6.48
CA PHE A 22 -12.39 -15.90 7.19
C PHE A 22 -12.25 -14.71 6.23
N ILE A 23 -11.39 -14.86 5.22
CA ILE A 23 -11.17 -13.77 4.28
C ILE A 23 -12.46 -13.43 3.54
N ARG A 24 -13.25 -14.46 3.16
CA ARG A 24 -14.52 -14.18 2.50
C ARG A 24 -15.47 -13.41 3.43
N ALA A 25 -15.48 -13.77 4.71
CA ALA A 25 -16.32 -13.07 5.68
C ALA A 25 -15.89 -11.61 5.86
N VAL A 26 -14.57 -11.38 5.90
CA VAL A 26 -14.02 -10.02 6.01
C VAL A 26 -14.45 -9.19 4.78
N ARG A 27 -14.28 -9.72 3.59
CA ARG A 27 -14.73 -8.99 2.39
C ARG A 27 -16.22 -8.63 2.47
N GLY A 28 -17.03 -9.56 2.97
CA GLY A 28 -18.46 -9.37 3.04
C GLY A 28 -18.88 -8.24 3.96
N ARG A 29 -18.09 -8.01 5.01
CA ARG A 29 -18.35 -6.89 5.93
C ARG A 29 -17.70 -5.59 5.50
N LEU A 30 -16.65 -5.67 4.68
CA LEU A 30 -15.99 -4.45 4.21
C LEU A 30 -16.86 -3.68 3.22
N THR A 31 -17.63 -4.41 2.42
CA THR A 31 -18.42 -3.74 1.40
C THR A 31 -19.63 -4.54 1.02
N THR A 32 -20.67 -3.84 0.55
CA THR A 32 -21.91 -4.51 0.18
C THR A 32 -21.76 -5.18 -1.17
N GLY A 33 -20.83 -4.67 -1.99
CA GLY A 33 -20.68 -5.18 -3.34
C GLY A 33 -21.70 -4.55 -4.28
N ALA A 34 -22.42 -3.55 -3.80
CA ALA A 34 -23.38 -2.86 -4.63
C ALA A 34 -22.71 -1.93 -5.64
N ASP A 35 -21.49 -1.48 -5.34
CA ASP A 35 -20.73 -0.65 -6.29
C ASP A 35 -19.67 -1.56 -6.89
N VAL A 36 -19.85 -1.91 -8.17
N VAL A 36 -19.84 -1.93 -8.16
CA VAL A 36 -18.88 -2.75 -8.88
CA VAL A 36 -18.82 -2.71 -8.84
C VAL A 36 -18.45 -2.04 -10.16
C VAL A 36 -18.43 -1.97 -10.11
N ARG A 37 -17.16 -2.06 -10.48
CA ARG A 37 -16.68 -1.44 -11.72
C ARG A 37 -15.91 -2.48 -12.49
N HIS A 38 -16.32 -2.72 -13.74
CA HIS A 38 -15.64 -3.73 -14.55
C HIS A 38 -15.42 -5.05 -13.79
N GLU A 39 -16.51 -5.50 -13.13
CA GLU A 39 -16.56 -6.77 -12.39
C GLU A 39 -15.90 -6.76 -11.01
N ILE A 40 -15.22 -5.68 -10.64
CA ILE A 40 -14.49 -5.64 -9.37
C ILE A 40 -15.18 -4.74 -8.36
N PRO A 41 -15.53 -5.28 -7.18
CA PRO A 41 -16.19 -4.47 -6.14
C PRO A 41 -15.37 -3.29 -5.63
N VAL A 42 -16.06 -2.22 -5.25
CA VAL A 42 -15.41 -1.05 -4.66
C VAL A 42 -15.83 -0.92 -3.20
N LEU A 43 -14.86 -0.52 -2.38
CA LEU A 43 -15.14 -0.20 -0.99
C LEU A 43 -15.98 1.07 -0.91
N PRO A 44 -16.65 1.27 0.22
CA PRO A 44 -17.46 2.49 0.36
C PRO A 44 -16.61 3.77 0.26
N ASN A 45 -17.18 4.79 -0.38
CA ASN A 45 -16.59 6.12 -0.39
C ASN A 45 -16.49 6.66 1.04
N ARG A 46 -15.29 7.06 1.45
CA ARG A 46 -15.14 7.72 2.75
C ARG A 46 -16.01 8.99 2.89
N VAL A 47 -16.16 9.73 1.79
CA VAL A 47 -16.89 10.99 1.83
C VAL A 47 -18.38 10.68 2.00
N GLY A 48 -18.94 11.08 3.13
CA GLY A 48 -20.34 10.79 3.41
C GLY A 48 -20.63 9.47 4.15
N LEU A 49 -19.59 8.70 4.46
CA LEU A 49 -19.82 7.45 5.20
C LEU A 49 -20.03 7.72 6.70
N PRO A 50 -21.20 7.34 7.24
CA PRO A 50 -21.48 7.53 8.67
C PRO A 50 -20.54 6.72 9.57
N ILE A 51 -20.20 7.30 10.70
N ILE A 51 -20.21 7.32 10.70
CA ILE A 51 -19.25 6.66 11.62
CA ILE A 51 -19.31 6.71 11.68
C ILE A 51 -19.72 5.27 12.08
C ILE A 51 -19.73 5.29 12.08
N ASN A 52 -21.04 5.08 12.23
CA ASN A 52 -21.50 3.73 12.61
C ASN A 52 -21.28 2.64 11.54
N GLN A 53 -20.85 3.03 10.34
CA GLN A 53 -20.56 2.06 9.27
C GLN A 53 -19.07 2.04 8.91
N ARG A 54 -18.22 2.67 9.73
CA ARG A 54 -16.86 3.00 9.25
C ARG A 54 -15.85 1.87 9.47
N PHE A 55 -16.08 1.03 10.48
CA PHE A 55 -15.10 0.02 10.90
C PHE A 55 -15.71 -1.38 11.03
N ILE A 56 -14.85 -2.39 10.94
CA ILE A 56 -15.23 -3.73 11.33
C ILE A 56 -14.12 -4.26 12.25
N LEU A 57 -14.43 -5.32 12.99
CA LEU A 57 -13.44 -5.82 13.94
C LEU A 57 -13.09 -7.27 13.61
N VAL A 58 -11.81 -7.61 13.77
CA VAL A 58 -11.37 -8.97 13.54
C VAL A 58 -10.78 -9.50 14.82
N GLU A 59 -11.44 -10.50 15.40
CA GLU A 59 -10.94 -11.04 16.65
C GLU A 59 -10.09 -12.25 16.33
N LEU A 60 -8.81 -12.17 16.68
CA LEU A 60 -7.83 -13.20 16.38
C LEU A 60 -7.47 -13.94 17.66
N SER A 61 -7.44 -15.26 17.57
CA SER A 61 -6.98 -16.07 18.70
C SER A 61 -5.90 -17.01 18.21
N ASN A 62 -5.07 -17.49 19.13
CA ASN A 62 -4.01 -18.42 18.70
C ASN A 62 -3.93 -19.64 19.59
N HIS A 63 -2.89 -20.45 19.40
CA HIS A 63 -2.76 -21.67 20.20
C HIS A 63 -2.53 -21.37 21.68
N ALA A 64 -1.89 -20.24 21.97
CA ALA A 64 -1.57 -19.86 23.34
C ALA A 64 -2.82 -19.44 24.08
N GLU A 65 -3.94 -19.48 23.37
CA GLU A 65 -5.24 -19.04 23.88
C GLU A 65 -5.26 -17.56 24.25
N LEU A 66 -4.48 -16.77 23.51
CA LEU A 66 -4.51 -15.34 23.66
C LEU A 66 -5.36 -14.78 22.54
N SER A 67 -6.03 -13.66 22.81
N SER A 67 -6.01 -13.64 22.80
CA SER A 67 -6.86 -13.03 21.81
CA SER A 67 -6.88 -13.04 21.82
C SER A 67 -6.53 -11.55 21.73
C SER A 67 -6.68 -11.52 21.75
N VAL A 68 -6.64 -11.00 20.52
CA VAL A 68 -6.57 -9.56 20.30
C VAL A 68 -7.61 -9.24 19.24
N THR A 69 -8.08 -8.01 19.22
CA THR A 69 -9.09 -7.61 18.25
C THR A 69 -8.55 -6.45 17.42
N LEU A 70 -8.46 -6.65 16.11
CA LEU A 70 -7.95 -5.60 15.22
C LEU A 70 -9.17 -4.80 14.73
N ALA A 71 -8.97 -3.51 14.51
CA ALA A 71 -10.03 -2.71 13.88
C ALA A 71 -9.59 -2.41 12.46
N LEU A 72 -10.48 -2.64 11.49
CA LEU A 72 -10.18 -2.34 10.08
C LEU A 72 -11.10 -1.23 9.62
N ASP A 73 -10.56 -0.32 8.81
CA ASP A 73 -11.33 0.81 8.25
C ASP A 73 -11.94 0.30 6.94
N VAL A 74 -13.27 0.32 6.81
CA VAL A 74 -13.89 -0.19 5.58
C VAL A 74 -13.55 0.61 4.33
N THR A 75 -13.02 1.83 4.47
CA THR A 75 -12.77 2.61 3.26
C THR A 75 -11.45 2.23 2.60
N ASN A 76 -10.60 1.53 3.33
CA ASN A 76 -9.34 1.10 2.74
C ASN A 76 -8.89 -0.33 3.13
N ALA A 77 -9.74 -1.05 3.86
CA ALA A 77 -9.47 -2.41 4.37
C ALA A 77 -8.29 -2.54 5.34
N TYR A 78 -7.74 -1.42 5.76
CA TYR A 78 -6.48 -1.49 6.53
C TYR A 78 -6.69 -1.51 8.04
N VAL A 79 -5.70 -2.05 8.76
CA VAL A 79 -5.76 -2.14 10.21
C VAL A 79 -5.46 -0.73 10.75
N VAL A 80 -6.28 -0.21 11.65
CA VAL A 80 -6.03 1.13 12.19
C VAL A 80 -5.66 1.11 13.66
N GLY A 81 -5.83 -0.05 14.29
CA GLY A 81 -5.53 -0.17 15.72
C GLY A 81 -5.98 -1.51 16.24
N TYR A 82 -5.83 -1.73 17.55
CA TYR A 82 -6.25 -2.98 18.12
C TYR A 82 -6.51 -2.86 19.61
N ARG A 83 -7.23 -3.85 20.13
CA ARG A 83 -7.51 -3.93 21.55
C ARG A 83 -7.02 -5.26 22.08
N ALA A 84 -6.39 -5.22 23.26
CA ALA A 84 -6.01 -6.43 23.98
C ALA A 84 -6.44 -6.19 25.41
N GLY A 85 -7.46 -6.91 25.87
CA GLY A 85 -7.97 -6.71 27.22
C GLY A 85 -8.42 -5.28 27.48
N ASN A 86 -7.86 -4.65 28.51
CA ASN A 86 -8.28 -3.30 28.91
C ASN A 86 -7.46 -2.15 28.28
N SER A 87 -6.75 -2.42 27.19
CA SER A 87 -5.97 -1.39 26.51
C SER A 87 -6.19 -1.44 25.01
N ALA A 88 -6.25 -0.25 24.39
CA ALA A 88 -6.32 -0.20 22.93
C ALA A 88 -5.30 0.80 22.38
N TYR A 89 -4.79 0.50 21.19
CA TYR A 89 -3.70 1.27 20.59
C TYR A 89 -4.04 1.54 19.15
N PHE A 90 -3.74 2.75 18.70
CA PHE A 90 -4.06 3.14 17.34
C PHE A 90 -2.89 3.74 16.59
N PHE A 91 -2.75 3.40 15.30
CA PHE A 91 -1.73 4.07 14.48
C PHE A 91 -1.97 5.58 14.49
N HIS A 92 -0.90 6.38 14.40
CA HIS A 92 -1.07 7.82 14.36
C HIS A 92 -1.82 8.28 13.11
N PRO A 93 -2.89 9.03 13.30
CA PRO A 93 -3.61 9.51 12.10
C PRO A 93 -2.86 10.64 11.40
N ASP A 94 -3.19 10.88 10.13
CA ASP A 94 -2.59 12.00 9.39
C ASP A 94 -3.49 13.21 9.30
N ASN A 95 -4.75 13.06 9.69
CA ASN A 95 -5.69 14.14 9.52
C ASN A 95 -6.74 14.13 10.64
N GLN A 96 -7.37 15.27 10.87
N GLN A 96 -7.39 15.28 10.81
CA GLN A 96 -8.30 15.40 12.01
CA GLN A 96 -8.35 15.54 11.90
C GLN A 96 -9.49 14.46 11.89
C GLN A 96 -9.57 14.63 11.89
N GLU A 97 -10.09 14.38 10.71
CA GLU A 97 -11.23 13.51 10.52
C GLU A 97 -10.92 12.07 10.96
N ASP A 98 -9.74 11.53 10.59
CA ASP A 98 -9.41 10.19 10.98
C ASP A 98 -9.13 10.11 12.48
N ALA A 99 -8.47 11.15 13.02
CA ALA A 99 -8.21 11.18 14.46
C ALA A 99 -9.52 11.14 15.25
N GLU A 100 -10.52 11.85 14.73
CA GLU A 100 -11.82 11.92 15.39
C GLU A 100 -12.52 10.57 15.24
N ALA A 101 -12.47 10.01 14.04
CA ALA A 101 -13.17 8.74 13.79
C ALA A 101 -12.72 7.61 14.74
N ILE A 102 -11.41 7.47 14.98
CA ILE A 102 -10.92 6.36 15.82
C ILE A 102 -11.33 6.47 17.28
N THR A 103 -11.79 7.65 17.71
CA THR A 103 -12.35 7.78 19.07
C THR A 103 -13.61 6.97 19.25
N HIS A 104 -14.21 6.54 18.14
CA HIS A 104 -15.41 5.74 18.19
C HIS A 104 -15.17 4.23 18.26
N LEU A 105 -13.90 3.85 18.35
CA LEU A 105 -13.55 2.43 18.44
C LEU A 105 -13.24 2.06 19.90
N PHE A 106 -13.69 0.88 20.33
CA PHE A 106 -13.34 0.34 21.64
C PHE A 106 -13.67 1.35 22.74
N THR A 107 -14.87 1.92 22.71
CA THR A 107 -15.14 3.08 23.55
C THR A 107 -15.20 2.81 25.05
N ASP A 108 -15.41 1.54 25.42
CA ASP A 108 -15.43 1.19 26.84
C ASP A 108 -14.07 0.72 27.39
N VAL A 109 -13.05 0.71 26.55
CA VAL A 109 -11.72 0.27 27.01
C VAL A 109 -11.15 1.27 28.05
N GLN A 110 -10.53 0.75 29.09
CA GLN A 110 -10.02 1.61 30.16
C GLN A 110 -8.90 2.53 29.73
N ASN A 111 -8.04 2.05 28.85
CA ASN A 111 -6.80 2.73 28.52
C ASN A 111 -6.68 2.81 27.02
N ARG A 112 -6.53 4.02 26.49
CA ARG A 112 -6.44 4.18 25.04
C ARG A 112 -5.19 4.95 24.75
N TYR A 113 -4.51 4.57 23.67
CA TYR A 113 -3.24 5.19 23.30
C TYR A 113 -3.13 5.39 21.79
N THR A 114 -2.46 6.46 21.39
CA THR A 114 -2.07 6.62 19.97
C THR A 114 -0.58 6.36 19.88
N PHE A 115 -0.18 5.47 18.98
CA PHE A 115 1.24 5.19 18.75
C PHE A 115 1.96 6.42 18.19
N ALA A 116 3.25 6.54 18.50
CA ALA A 116 4.06 7.61 17.94
C ALA A 116 4.61 7.25 16.56
N PHE A 117 3.76 6.66 15.74
CA PHE A 117 4.11 6.29 14.37
C PHE A 117 2.86 5.97 13.59
N GLY A 118 2.89 6.20 12.29
CA GLY A 118 1.79 5.79 11.43
C GLY A 118 1.91 4.34 11.05
N GLY A 119 0.87 3.82 10.42
CA GLY A 119 0.85 2.41 10.08
C GLY A 119 1.14 2.06 8.63
N ASN A 120 1.56 3.03 7.80
CA ASN A 120 1.91 2.71 6.41
C ASN A 120 3.18 1.84 6.40
N TYR A 121 3.39 1.07 5.33
CA TYR A 121 4.51 0.12 5.35
C TYR A 121 5.89 0.78 5.51
N ASP A 122 6.09 1.98 4.97
CA ASP A 122 7.42 2.60 5.07
C ASP A 122 7.74 2.76 6.55
N ARG A 123 6.77 3.27 7.30
CA ARG A 123 7.02 3.53 8.71
C ARG A 123 7.19 2.24 9.50
N LEU A 124 6.31 1.27 9.26
CA LEU A 124 6.42 0.02 10.01
C LEU A 124 7.72 -0.71 9.68
N GLU A 125 8.14 -0.69 8.42
CA GLU A 125 9.40 -1.33 8.04
C GLU A 125 10.58 -0.67 8.75
N GLN A 126 10.55 0.65 8.83
CA GLN A 126 11.63 1.35 9.53
C GLN A 126 11.69 0.93 10.97
N LEU A 127 10.53 0.87 11.61
N LEU A 127 10.53 0.86 11.61
CA LEU A 127 10.52 0.48 13.03
CA LEU A 127 10.47 0.50 13.01
C LEU A 127 10.92 -0.98 13.22
C LEU A 127 10.86 -0.96 13.24
N ALA A 128 10.43 -1.85 12.34
CA ALA A 128 10.76 -3.28 12.44
C ALA A 128 12.22 -3.57 12.23
N GLY A 129 12.89 -2.73 11.45
CA GLY A 129 14.27 -3.01 11.05
C GLY A 129 14.34 -4.06 9.96
N ASN A 130 13.28 -4.18 9.17
CA ASN A 130 13.34 -5.01 7.97
C ASN A 130 12.26 -4.63 6.99
N LEU A 131 12.49 -4.96 5.73
CA LEU A 131 11.47 -4.70 4.69
C LEU A 131 10.48 -5.84 4.61
N ARG A 132 9.32 -5.57 4.00
CA ARG A 132 8.39 -6.66 3.73
C ARG A 132 9.07 -7.84 3.04
N GLU A 133 10.05 -7.54 2.15
CA GLU A 133 10.82 -8.57 1.43
C GLU A 133 11.47 -9.62 2.35
N ASN A 134 11.72 -9.25 3.59
CA ASN A 134 12.40 -10.14 4.53
C ASN A 134 11.59 -10.59 5.72
N ILE A 135 10.28 -10.32 5.71
CA ILE A 135 9.44 -10.70 6.85
C ILE A 135 8.54 -11.86 6.45
N GLU A 136 8.72 -13.00 7.11
CA GLU A 136 8.01 -14.21 6.74
C GLU A 136 6.53 -14.12 7.10
N LEU A 137 5.70 -14.66 6.20
CA LEU A 137 4.24 -14.76 6.40
C LEU A 137 3.83 -16.23 6.50
N GLY A 138 2.67 -16.49 7.12
CA GLY A 138 2.16 -17.83 7.26
C GLY A 138 1.45 -17.99 8.59
N ASN A 139 0.94 -19.18 8.88
CA ASN A 139 0.19 -19.38 10.12
C ASN A 139 1.09 -19.24 11.34
N GLY A 140 2.36 -19.65 11.20
CA GLY A 140 3.32 -19.53 12.29
C GLY A 140 3.61 -18.08 12.63
N PRO A 141 3.99 -17.27 11.61
CA PRO A 141 4.14 -15.84 11.86
C PRO A 141 2.90 -15.18 12.45
N LEU A 142 1.71 -15.56 11.98
CA LEU A 142 0.48 -15.00 12.55
C LEU A 142 0.27 -15.37 14.03
N GLU A 143 0.54 -16.63 14.38
CA GLU A 143 0.46 -17.08 15.76
C GLU A 143 1.36 -16.23 16.66
N GLU A 144 2.60 -16.01 16.21
CA GLU A 144 3.56 -15.23 16.97
C GLU A 144 3.14 -13.77 17.06
N ALA A 145 2.58 -13.26 15.98
CA ALA A 145 2.17 -11.86 15.94
C ALA A 145 1.06 -11.60 16.94
N ILE A 146 0.16 -12.56 17.08
CA ILE A 146 -0.95 -12.39 18.00
C ILE A 146 -0.43 -12.35 19.44
N SER A 147 0.47 -13.26 19.79
CA SER A 147 1.08 -13.20 21.12
C SER A 147 1.81 -11.88 21.35
N ALA A 148 2.54 -11.42 20.35
CA ALA A 148 3.33 -10.19 20.48
C ALA A 148 2.41 -8.97 20.72
N LEU A 149 1.30 -8.89 19.97
CA LEU A 149 0.36 -7.81 20.17
C LEU A 149 -0.23 -7.91 21.57
N TYR A 150 -0.53 -9.13 21.99
CA TYR A 150 -1.14 -9.33 23.30
C TYR A 150 -0.25 -8.85 24.45
N TYR A 151 1.05 -9.13 24.35
CA TYR A 151 1.97 -8.78 25.44
C TYR A 151 2.49 -7.34 25.40
N TYR A 152 2.13 -6.58 24.37
CA TYR A 152 2.61 -5.21 24.28
C TYR A 152 2.22 -4.33 25.48
N SER A 153 0.96 -4.37 25.92
CA SER A 153 0.53 -3.42 26.95
C SER A 153 1.24 -3.58 28.28
N THR A 154 1.65 -4.80 28.59
CA THR A 154 2.29 -5.05 29.87
C THR A 154 3.81 -4.89 29.81
N GLY A 155 4.31 -4.39 28.69
CA GLY A 155 5.72 -4.09 28.55
C GLY A 155 6.53 -5.23 27.97
N GLY A 156 5.85 -6.28 27.49
CA GLY A 156 6.55 -7.49 27.12
C GLY A 156 6.96 -7.62 25.67
N THR A 157 6.61 -6.64 24.85
CA THR A 157 6.93 -6.66 23.43
C THR A 157 7.63 -5.37 23.04
N GLN A 158 8.81 -5.47 22.44
CA GLN A 158 9.52 -4.24 22.05
C GLN A 158 8.95 -3.74 20.74
N LEU A 159 9.19 -2.46 20.44
CA LEU A 159 8.55 -1.89 19.25
C LEU A 159 8.94 -2.55 17.91
N PRO A 160 10.20 -2.93 17.73
CA PRO A 160 10.46 -3.55 16.41
C PRO A 160 9.68 -4.86 16.20
N THR A 161 9.57 -5.65 17.27
CA THR A 161 8.72 -6.84 17.25
C THR A 161 7.26 -6.51 16.97
N LEU A 162 6.77 -5.47 17.62
CA LEU A 162 5.38 -5.06 17.42
C LEU A 162 5.15 -4.64 15.96
N ALA A 163 6.09 -3.88 15.42
CA ALA A 163 5.95 -3.43 14.03
C ALA A 163 5.95 -4.60 13.05
N ARG A 164 6.83 -5.57 13.27
N ARG A 164 6.83 -5.57 13.27
CA ARG A 164 6.85 -6.77 12.43
CA ARG A 164 6.87 -6.78 12.45
C ARG A 164 5.50 -7.48 12.52
C ARG A 164 5.52 -7.50 12.52
N SER A 165 4.96 -7.57 13.73
CA SER A 165 3.67 -8.24 13.97
C SER A 165 2.53 -7.56 13.19
N PHE A 166 2.53 -6.22 13.17
CA PHE A 166 1.54 -5.51 12.37
C PHE A 166 1.74 -5.77 10.87
N ILE A 167 2.98 -5.80 10.41
CA ILE A 167 3.22 -6.09 8.99
C ILE A 167 2.68 -7.46 8.59
N ILE A 168 2.82 -8.43 9.48
CA ILE A 168 2.30 -9.77 9.25
C ILE A 168 0.76 -9.75 9.21
N CYS A 169 0.12 -9.16 10.23
CA CYS A 169 -1.36 -9.10 10.26
C CYS A 169 -1.94 -8.34 9.06
N ILE A 170 -1.36 -7.20 8.73
CA ILE A 170 -1.83 -6.37 7.63
C ILE A 170 -1.81 -7.15 6.32
N GLN A 171 -0.71 -7.85 6.06
CA GLN A 171 -0.69 -8.55 4.76
C GLN A 171 -1.58 -9.79 4.75
N MET A 172 -1.68 -10.50 5.87
CA MET A 172 -2.45 -11.74 5.89
C MET A 172 -3.95 -11.52 6.00
N ILE A 173 -4.33 -10.28 6.35
CA ILE A 173 -5.75 -9.95 6.55
C ILE A 173 -6.15 -8.86 5.55
N SER A 174 -5.62 -7.65 5.70
CA SER A 174 -5.98 -6.55 4.80
C SER A 174 -5.61 -6.82 3.36
N GLU A 175 -4.36 -7.17 3.08
CA GLU A 175 -3.97 -7.35 1.69
C GLU A 175 -4.65 -8.58 1.08
N ALA A 176 -4.84 -9.64 1.88
CA ALA A 176 -5.54 -10.82 1.42
C ALA A 176 -7.00 -10.49 1.06
N ALA A 177 -7.63 -9.65 1.86
CA ALA A 177 -8.96 -9.16 1.54
C ALA A 177 -8.96 -8.36 0.25
N ARG A 178 -7.96 -7.48 0.08
CA ARG A 178 -7.94 -6.68 -1.15
C ARG A 178 -7.65 -7.49 -2.40
N PHE A 179 -6.84 -8.53 -2.29
CA PHE A 179 -6.38 -9.26 -3.49
C PHE A 179 -6.60 -10.77 -3.37
N GLN A 180 -7.40 -11.38 -4.27
CA GLN A 180 -7.46 -12.85 -4.31
C GLN A 180 -6.08 -13.45 -4.48
N TYR A 181 -5.20 -12.76 -5.21
CA TYR A 181 -3.86 -13.31 -5.48
C TYR A 181 -3.11 -13.52 -4.16
N ILE A 182 -3.23 -12.55 -3.27
CA ILE A 182 -2.51 -12.62 -2.01
C ILE A 182 -3.22 -13.57 -1.04
N GLU A 183 -4.56 -13.60 -1.05
CA GLU A 183 -5.28 -14.66 -0.33
C GLU A 183 -4.70 -16.02 -0.79
N GLY A 184 -4.50 -16.19 -2.10
CA GLY A 184 -3.95 -17.44 -2.62
C GLY A 184 -2.54 -17.77 -2.12
N GLU A 185 -1.72 -16.73 -2.03
CA GLU A 185 -0.37 -16.89 -1.51
C GLU A 185 -0.39 -17.38 -0.08
N MET A 186 -1.31 -16.84 0.72
CA MET A 186 -1.45 -17.26 2.12
C MET A 186 -2.03 -18.67 2.22
N ARG A 187 -2.95 -19.00 1.34
CA ARG A 187 -3.53 -20.36 1.32
C ARG A 187 -2.44 -21.40 1.05
N THR A 188 -1.55 -21.09 0.11
CA THR A 188 -0.45 -22.01 -0.21
C THR A 188 0.45 -22.23 0.99
N ARG A 189 0.80 -21.14 1.67
CA ARG A 189 1.61 -21.26 2.90
C ARG A 189 0.93 -22.13 3.98
N ILE A 190 -0.35 -21.91 4.21
CA ILE A 190 -1.07 -22.75 5.17
C ILE A 190 -1.16 -24.20 4.70
N ARG A 191 -1.38 -24.40 3.40
CA ARG A 191 -1.51 -25.75 2.85
C ARG A 191 -0.27 -26.59 3.15
N TYR A 192 0.90 -25.96 3.01
CA TYR A 192 2.16 -26.68 3.15
C TYR A 192 2.86 -26.44 4.48
N ASN A 193 2.17 -25.76 5.39
CA ASN A 193 2.66 -25.52 6.74
C ASN A 193 4.01 -24.82 6.63
N ARG A 194 4.03 -23.78 5.80
CA ARG A 194 5.23 -23.11 5.36
C ARG A 194 5.22 -21.66 5.85
N ARG A 195 6.38 -21.12 6.22
CA ARG A 195 6.46 -19.67 6.43
C ARG A 195 7.48 -19.09 5.46
N SER A 196 7.15 -18.00 4.81
CA SER A 196 8.07 -17.44 3.84
C SER A 196 7.72 -16.01 3.51
N ALA A 197 8.73 -15.21 3.15
CA ALA A 197 8.46 -13.81 2.82
C ALA A 197 7.76 -13.70 1.47
N PRO A 198 6.98 -12.62 1.29
CA PRO A 198 6.31 -12.37 0.01
C PRO A 198 7.31 -12.03 -1.10
N ASP A 199 7.09 -12.57 -2.29
CA ASP A 199 8.01 -12.26 -3.40
C ASP A 199 7.61 -10.93 -4.09
N PRO A 200 8.36 -10.52 -5.13
CA PRO A 200 8.10 -9.21 -5.73
C PRO A 200 6.72 -9.09 -6.36
N SER A 201 6.14 -10.21 -6.79
CA SER A 201 4.80 -10.15 -7.37
C SER A 201 3.81 -9.67 -6.30
N VAL A 202 4.03 -10.04 -5.04
CA VAL A 202 3.11 -9.68 -3.97
C VAL A 202 3.36 -8.25 -3.55
N ILE A 203 4.62 -7.90 -3.41
CA ILE A 203 4.96 -6.58 -2.88
C ILE A 203 4.58 -5.48 -3.89
N THR A 204 4.85 -5.69 -5.18
CA THR A 204 4.47 -4.66 -6.16
C THR A 204 2.96 -4.53 -6.29
N LEU A 205 2.26 -5.64 -6.22
CA LEU A 205 0.80 -5.58 -6.17
C LEU A 205 0.32 -4.76 -4.97
N GLU A 206 0.80 -5.07 -3.77
CA GLU A 206 0.42 -4.28 -2.58
C GLU A 206 0.64 -2.78 -2.83
N ASN A 207 1.83 -2.43 -3.30
CA ASN A 207 2.16 -1.02 -3.49
C ASN A 207 1.21 -0.39 -4.51
N SER A 208 0.82 -1.17 -5.53
CA SER A 208 0.05 -0.63 -6.65
C SER A 208 -1.47 -0.62 -6.47
N TRP A 209 -1.97 -0.99 -5.29
CA TRP A 209 -3.42 -1.07 -5.09
C TRP A 209 -4.11 0.24 -5.46
N GLY A 210 -3.55 1.36 -5.00
CA GLY A 210 -4.11 2.67 -5.31
C GLY A 210 -4.10 2.98 -6.80
N ARG A 211 -2.93 2.82 -7.43
CA ARG A 211 -2.85 3.21 -8.83
C ARG A 211 -3.67 2.28 -9.73
N LEU A 212 -3.78 1.00 -9.36
CA LEU A 212 -4.63 0.06 -10.09
C LEU A 212 -6.08 0.44 -9.94
N SER A 213 -6.46 0.80 -8.72
CA SER A 213 -7.85 1.20 -8.44
C SER A 213 -8.20 2.44 -9.28
N THR A 214 -7.28 3.41 -9.34
CA THR A 214 -7.53 4.59 -10.13
C THR A 214 -7.64 4.28 -11.63
N ALA A 215 -6.70 3.50 -12.14
CA ALA A 215 -6.65 3.19 -13.58
C ALA A 215 -7.95 2.48 -14.04
N ILE A 216 -8.41 1.52 -13.22
CA ILE A 216 -9.62 0.75 -13.54
C ILE A 216 -10.85 1.66 -13.48
N GLN A 217 -10.97 2.46 -12.41
CA GLN A 217 -12.18 3.28 -12.22
C GLN A 217 -12.30 4.44 -13.20
N GLU A 218 -11.16 5.00 -13.62
CA GLU A 218 -11.16 6.12 -14.56
C GLU A 218 -11.40 5.70 -15.99
N SER A 219 -11.43 4.40 -16.23
CA SER A 219 -11.68 3.88 -17.57
C SER A 219 -13.18 3.63 -17.85
N ASN A 220 -13.62 4.03 -19.05
CA ASN A 220 -15.00 3.81 -19.51
C ASN A 220 -15.22 2.32 -19.71
N GLN A 221 -14.22 1.68 -20.33
CA GLN A 221 -14.40 0.29 -20.68
C GLN A 221 -13.36 -0.65 -20.14
N GLY A 222 -12.45 -0.14 -19.31
CA GLY A 222 -11.49 -1.02 -18.65
C GLY A 222 -10.07 -0.92 -19.19
N ALA A 223 -9.89 -0.16 -20.26
CA ALA A 223 -8.55 0.08 -20.83
C ALA A 223 -7.87 1.25 -20.11
N PHE A 224 -6.58 1.10 -19.78
CA PHE A 224 -5.91 2.11 -18.98
C PHE A 224 -5.41 3.27 -19.82
N ALA A 225 -5.43 4.47 -19.26
CA ALA A 225 -4.89 5.65 -19.94
C ALA A 225 -3.36 5.52 -20.13
N SER A 226 -2.72 4.91 -19.14
CA SER A 226 -1.26 4.70 -19.13
C SER A 226 -1.04 3.32 -18.55
N PRO A 227 -0.10 2.54 -19.10
CA PRO A 227 0.11 1.21 -18.53
C PRO A 227 0.72 1.28 -17.13
N ILE A 228 0.47 0.27 -16.32
CA ILE A 228 1.02 0.20 -14.97
C ILE A 228 1.95 -0.99 -14.88
N GLN A 229 3.15 -0.77 -14.35
CA GLN A 229 4.18 -1.80 -14.31
C GLN A 229 4.05 -2.63 -13.04
N LEU A 230 4.01 -3.95 -13.18
CA LEU A 230 4.04 -4.85 -12.03
C LEU A 230 5.26 -5.77 -12.15
N GLN A 231 5.47 -6.64 -11.18
CA GLN A 231 6.59 -7.58 -11.24
C GLN A 231 6.07 -9.02 -11.16
N ARG A 232 6.77 -9.93 -11.86
CA ARG A 232 6.56 -11.37 -11.74
C ARG A 232 7.26 -11.88 -10.47
N ARG A 233 7.04 -13.14 -10.10
CA ARG A 233 7.70 -13.72 -8.94
C ARG A 233 9.23 -13.61 -9.01
N ASN A 234 9.78 -13.68 -10.21
CA ASN A 234 11.23 -13.63 -10.35
C ASN A 234 11.77 -12.21 -10.42
N GLY A 235 10.86 -11.24 -10.32
CA GLY A 235 11.25 -9.84 -10.23
C GLY A 235 11.23 -9.11 -11.56
N SER A 236 11.00 -9.84 -12.64
CA SER A 236 11.01 -9.19 -13.96
C SER A 236 9.76 -8.34 -14.08
N LYS A 237 9.86 -7.29 -14.88
CA LYS A 237 8.77 -6.30 -14.92
C LYS A 237 7.86 -6.57 -16.11
N PHE A 238 6.56 -6.31 -15.95
CA PHE A 238 5.67 -6.35 -17.10
C PHE A 238 4.63 -5.25 -16.98
N SER A 239 3.98 -4.89 -18.09
CA SER A 239 3.00 -3.82 -18.07
C SER A 239 1.59 -4.36 -18.14
N VAL A 240 0.71 -3.73 -17.38
CA VAL A 240 -0.73 -4.05 -17.45
C VAL A 240 -1.43 -2.89 -18.16
N TYR A 241 -2.24 -3.20 -19.17
CA TYR A 241 -2.82 -2.19 -20.06
C TYR A 241 -4.35 -2.06 -19.91
N ASP A 242 -4.93 -2.99 -19.18
CA ASP A 242 -6.39 -3.01 -19.00
C ASP A 242 -6.75 -3.93 -17.86
N VAL A 243 -8.02 -3.86 -17.46
CA VAL A 243 -8.48 -4.53 -16.25
C VAL A 243 -8.51 -6.05 -16.35
N SER A 244 -8.52 -6.59 -17.57
CA SER A 244 -8.86 -8.01 -17.78
C SER A 244 -8.01 -8.97 -16.95
N ILE A 245 -6.70 -8.78 -16.99
CA ILE A 245 -5.82 -9.69 -16.27
C ILE A 245 -5.93 -9.51 -14.76
N LEU A 246 -6.53 -8.40 -14.33
CA LEU A 246 -6.67 -8.10 -12.91
C LEU A 246 -7.94 -8.64 -12.26
N ILE A 247 -8.94 -9.00 -13.07
CA ILE A 247 -10.18 -9.51 -12.47
C ILE A 247 -9.98 -10.73 -11.53
N PRO A 248 -9.07 -11.65 -11.88
CA PRO A 248 -8.84 -12.78 -10.97
C PRO A 248 -7.86 -12.42 -9.84
N ILE A 249 -7.31 -11.21 -9.87
CA ILE A 249 -6.21 -10.83 -8.95
C ILE A 249 -6.66 -9.87 -7.84
N ILE A 250 -7.46 -8.86 -8.20
CA ILE A 250 -7.94 -7.84 -7.24
C ILE A 250 -9.37 -8.14 -6.84
N ALA A 251 -9.61 -8.24 -5.53
CA ALA A 251 -10.93 -8.57 -4.99
C ALA A 251 -11.76 -7.35 -4.66
N LEU A 252 -11.07 -6.26 -4.28
N LEU A 252 -11.10 -6.25 -4.31
CA LEU A 252 -11.70 -5.03 -3.78
CA LEU A 252 -11.82 -5.02 -3.98
C LEU A 252 -10.85 -3.83 -4.16
C LEU A 252 -10.89 -3.84 -4.14
N MET A 253 -11.47 -2.70 -4.53
CA MET A 253 -10.71 -1.48 -4.84
C MET A 253 -11.07 -0.39 -3.87
N VAL A 254 -10.12 0.52 -3.60
CA VAL A 254 -10.44 1.73 -2.86
C VAL A 254 -11.30 2.65 -3.76
N TYR A 255 -12.25 3.39 -3.18
CA TYR A 255 -13.06 4.29 -3.98
C TYR A 255 -12.19 5.43 -4.50
N ARG A 256 -12.19 5.65 -5.82
CA ARG A 256 -11.36 6.73 -6.39
C ARG A 256 -12.21 7.79 -7.09
N CYS A 257 -13.24 7.37 -7.83
CA CYS A 257 -14.10 8.34 -8.49
C CYS A 257 -15.50 7.77 -8.72
N ALA A 258 -16.44 8.64 -9.03
CA ALA A 258 -17.79 8.23 -9.40
C ALA A 258 -17.65 7.51 -10.74
N PRO A 259 -18.53 6.52 -11.01
CA PRO A 259 -18.32 5.70 -12.22
C PRO A 259 -18.64 6.41 -13.53
N PRO A 260 -17.68 6.43 -14.47
CA PRO A 260 -18.07 6.93 -15.80
C PRO A 260 -19.16 6.02 -16.38
N PRO A 261 -19.98 6.55 -17.30
CA PRO A 261 -21.06 5.73 -17.86
C PRO A 261 -20.54 4.39 -18.43
N SER A 262 -21.29 3.33 -18.18
CA SER A 262 -20.92 1.95 -18.57
C SER A 262 -19.82 1.29 -17.76
N SER A 263 -19.17 1.99 -16.83
CA SER A 263 -18.12 1.34 -16.09
C SER A 263 -18.69 0.37 -15.05
N GLN A 264 -20.01 0.37 -14.85
CA GLN A 264 -20.61 -0.59 -13.91
C GLN A 264 -20.68 -2.01 -14.44
N PHE A 265 -20.44 -2.17 -15.74
CA PHE A 265 -20.43 -3.53 -16.32
C PHE A 265 -19.07 -3.80 -16.98
N ALA B 1 -0.44 23.03 1.86
CA ALA B 1 -0.73 21.65 2.22
C ALA B 1 -0.72 20.72 1.01
N GLN B 2 -1.28 21.19 -0.11
CA GLN B 2 -1.25 20.41 -1.34
C GLN B 2 0.20 20.15 -1.77
N LEU B 3 0.50 18.91 -2.14
CA LEU B 3 1.82 18.59 -2.65
C LEU B 3 2.11 19.40 -3.91
N GLN B 4 3.29 20.01 -3.96
CA GLN B 4 3.76 20.65 -5.16
C GLN B 4 5.14 20.11 -5.53
N LEU B 5 5.35 19.92 -6.82
CA LEU B 5 6.63 19.44 -7.32
C LEU B 5 7.20 20.48 -8.28
N VAL B 6 8.40 20.96 -7.99
CA VAL B 6 9.04 21.96 -8.82
C VAL B 6 10.27 21.34 -9.48
N GLU B 7 10.28 21.32 -10.82
CA GLU B 7 11.38 20.69 -11.55
C GLU B 7 12.30 21.75 -12.11
N THR B 8 13.60 21.47 -12.13
CA THR B 8 14.59 22.39 -12.69
C THR B 8 15.67 21.62 -13.46
N GLY B 9 16.40 22.32 -14.32
CA GLY B 9 17.55 21.72 -14.98
C GLY B 9 17.33 21.05 -16.33
N GLY B 10 16.33 21.47 -17.09
CA GLY B 10 16.13 20.92 -18.41
C GLY B 10 16.95 21.61 -19.48
N GLY B 11 16.56 21.45 -20.75
CA GLY B 11 17.16 22.24 -21.82
C GLY B 11 17.70 21.48 -23.01
N LEU B 12 18.44 22.19 -23.84
CA LEU B 12 19.06 21.63 -25.04
C LEU B 12 20.49 21.15 -24.74
N VAL B 13 20.90 20.09 -25.43
CA VAL B 13 22.24 19.56 -25.23
C VAL B 13 22.58 18.70 -26.45
N GLN B 14 23.85 18.27 -26.53
CA GLN B 14 24.25 17.37 -27.61
C GLN B 14 24.96 16.12 -27.10
N ALA B 15 25.04 15.11 -27.97
CA ALA B 15 25.55 13.80 -27.58
C ALA B 15 26.85 13.88 -26.78
N GLY B 16 26.91 13.13 -25.69
CA GLY B 16 28.05 13.14 -24.79
C GLY B 16 27.92 14.24 -23.77
N SER B 18 25.90 15.81 -21.35
CA SER B 18 25.60 15.74 -19.92
C SER B 18 24.59 16.79 -19.48
N LEU B 19 23.75 16.43 -18.51
CA LEU B 19 22.69 17.33 -18.08
C LEU B 19 22.05 16.80 -16.80
N ARG B 20 21.71 17.71 -15.89
CA ARG B 20 21.21 17.30 -14.57
C ARG B 20 19.83 17.89 -14.27
N LEU B 21 18.90 17.02 -13.86
CA LEU B 21 17.55 17.44 -13.51
C LEU B 21 17.40 17.41 -12.00
N SER B 22 16.48 18.19 -11.47
CA SER B 22 16.22 18.17 -10.04
C SER B 22 14.78 18.51 -9.73
N CYS B 23 14.28 17.94 -8.64
CA CYS B 23 12.92 18.18 -8.22
C CYS B 23 12.83 18.32 -6.72
N ALA B 24 12.06 19.31 -6.27
CA ALA B 24 11.85 19.53 -4.85
C ALA B 24 10.37 19.48 -4.55
N ALA B 25 9.99 18.68 -3.56
CA ALA B 25 8.60 18.56 -3.15
C ALA B 25 8.34 19.41 -1.92
N SER B 26 7.15 19.98 -1.85
CA SER B 26 6.73 20.73 -0.68
C SER B 26 5.26 20.44 -0.43
N GLY B 27 4.76 20.85 0.72
CA GLY B 27 3.40 20.52 1.11
C GLY B 27 3.42 19.45 2.19
N SER B 28 2.24 18.99 2.60
CA SER B 28 2.15 17.98 3.65
C SER B 28 2.60 16.62 3.13
N ILE B 29 3.72 16.16 3.66
CA ILE B 29 4.32 14.88 3.25
C ILE B 29 4.45 14.03 4.50
N PHE B 30 3.65 12.98 4.60
CA PHE B 30 3.69 12.16 5.82
C PHE B 30 4.67 11.01 5.64
N SER B 31 4.63 10.38 4.47
N SER B 31 4.63 10.37 4.47
CA SER B 31 5.54 9.28 4.15
CA SER B 31 5.56 9.29 4.15
C SER B 31 5.78 9.20 2.66
C SER B 31 5.78 9.18 2.67
N MET B 32 6.96 9.60 2.22
CA MET B 32 7.33 9.49 0.81
C MET B 32 7.92 8.11 0.53
N HIS B 33 7.18 7.28 -0.18
CA HIS B 33 7.63 5.93 -0.49
C HIS B 33 8.75 5.91 -1.53
N ALA B 34 8.67 6.82 -2.50
CA ALA B 34 9.65 6.86 -3.59
C ALA B 34 9.62 8.19 -4.29
N MET B 35 10.76 8.63 -4.81
CA MET B 35 10.79 9.74 -5.74
C MET B 35 11.59 9.26 -6.94
N GLY B 36 11.17 9.64 -8.13
CA GLY B 36 11.88 9.17 -9.31
C GLY B 36 11.60 10.05 -10.51
N TRP B 37 12.15 9.61 -11.64
CA TRP B 37 12.06 10.36 -12.88
C TRP B 37 11.53 9.41 -13.93
N PHE B 38 10.51 9.87 -14.67
CA PHE B 38 10.02 9.18 -15.85
C PHE B 38 10.19 10.10 -17.06
N ARG B 39 9.99 9.56 -18.26
CA ARG B 39 10.07 10.41 -19.43
C ARG B 39 9.08 9.99 -20.48
N GLN B 40 8.71 10.92 -21.35
CA GLN B 40 7.79 10.61 -22.42
C GLN B 40 8.14 11.39 -23.68
N ALA B 41 8.34 10.66 -24.76
CA ALA B 41 8.55 11.28 -26.07
C ALA B 41 7.24 11.25 -26.86
N PRO B 42 7.08 12.21 -27.78
CA PRO B 42 5.90 12.23 -28.65
C PRO B 42 5.66 10.87 -29.31
N GLY B 43 4.42 10.40 -29.27
CA GLY B 43 4.07 9.15 -29.93
C GLY B 43 4.50 7.90 -29.17
N ARG B 44 5.05 8.08 -27.97
CA ARG B 44 5.49 6.95 -27.14
C ARG B 44 4.84 6.97 -25.75
N GLU B 45 4.89 5.85 -25.04
CA GLU B 45 4.36 5.77 -23.68
C GLU B 45 5.30 6.45 -22.71
N ARG B 46 4.77 6.83 -21.54
CA ARG B 46 5.60 7.32 -20.45
C ARG B 46 6.38 6.14 -19.88
N GLU B 47 7.65 6.37 -19.56
CA GLU B 47 8.52 5.28 -19.10
C GLU B 47 9.46 5.66 -17.96
N LEU B 48 9.71 4.67 -17.10
CA LEU B 48 10.58 4.84 -15.95
C LEU B 48 12.00 5.08 -16.40
N VAL B 49 12.67 6.02 -15.75
CA VAL B 49 14.08 6.23 -15.98
C VAL B 49 14.89 5.74 -14.78
N ALA B 50 14.55 6.24 -13.61
CA ALA B 50 15.16 5.76 -12.39
C ALA B 50 14.28 6.16 -11.21
N VAL B 51 14.17 5.28 -10.23
CA VAL B 51 13.35 5.54 -9.05
C VAL B 51 14.12 5.13 -7.81
N ALA B 52 13.97 5.92 -6.74
CA ALA B 52 14.64 5.63 -5.48
C ALA B 52 13.60 5.37 -4.40
N PRO B 53 13.27 4.09 -4.18
CA PRO B 53 12.29 3.74 -3.15
C PRO B 53 12.93 3.72 -1.78
N THR B 54 12.17 4.12 -0.78
CA THR B 54 12.63 4.16 0.60
C THR B 54 13.13 2.79 1.06
N GLY B 55 14.35 2.75 1.57
CA GLY B 55 14.92 1.53 2.15
C GLY B 55 15.46 0.51 1.18
N ARG B 56 15.46 0.84 -0.11
CA ARG B 56 15.83 -0.12 -1.13
C ARG B 56 16.78 0.49 -2.14
N PRO B 57 17.48 -0.37 -2.90
CA PRO B 57 18.36 0.11 -3.97
C PRO B 57 17.58 0.88 -5.03
N SER B 58 18.24 1.84 -5.65
CA SER B 58 17.64 2.56 -6.77
C SER B 58 17.32 1.61 -7.91
N ASP B 59 16.26 1.92 -8.64
CA ASP B 59 15.85 1.08 -9.75
C ASP B 59 16.01 1.87 -11.05
N TYR B 60 16.87 1.37 -11.93
CA TYR B 60 17.14 2.02 -13.20
C TYR B 60 16.56 1.23 -14.36
N ALA B 61 16.02 1.92 -15.35
CA ALA B 61 15.66 1.26 -16.61
C ALA B 61 16.94 0.81 -17.30
N ASP B 62 16.82 -0.19 -18.17
CA ASP B 62 17.99 -0.69 -18.87
C ASP B 62 18.81 0.43 -19.52
N PHE B 63 18.14 1.32 -20.23
CA PHE B 63 18.81 2.39 -20.97
C PHE B 63 19.54 3.43 -20.10
N ALA B 64 19.31 3.39 -18.79
CA ALA B 64 19.91 4.37 -17.88
C ALA B 64 21.14 3.81 -17.15
N LYS B 65 21.29 2.50 -17.19
CA LYS B 65 22.40 1.84 -16.48
C LYS B 65 23.75 2.43 -16.90
N GLY B 66 24.58 2.76 -15.93
CA GLY B 66 25.88 3.35 -16.20
C GLY B 66 25.76 4.84 -16.48
N ARG B 67 24.97 5.19 -17.49
CA ARG B 67 24.85 6.57 -17.93
C ARG B 67 24.32 7.49 -16.85
N PHE B 68 23.15 7.16 -16.31
CA PHE B 68 22.44 8.04 -15.39
C PHE B 68 22.60 7.65 -13.93
N THR B 69 22.60 8.66 -13.06
CA THR B 69 22.63 8.41 -11.62
C THR B 69 21.52 9.20 -10.91
N ILE B 70 20.64 8.51 -10.21
CA ILE B 70 19.62 9.17 -9.42
C ILE B 70 20.11 9.40 -7.98
N SER B 71 19.71 10.51 -7.38
CA SER B 71 20.10 10.79 -6.01
C SER B 71 18.94 11.39 -5.23
N ARG B 72 18.47 10.66 -4.22
CA ARG B 72 17.35 11.11 -3.41
C ARG B 72 17.80 11.52 -2.01
N ASP B 73 17.37 12.70 -1.56
CA ASP B 73 17.60 13.14 -0.19
C ASP B 73 16.31 12.94 0.59
N ASN B 74 16.25 11.85 1.36
CA ASN B 74 15.02 11.46 2.05
C ASN B 74 14.50 12.53 3.00
N ALA B 75 15.41 13.25 3.63
CA ALA B 75 15.04 14.27 4.61
C ALA B 75 14.45 15.50 3.94
N LYS B 76 15.05 15.88 2.82
CA LYS B 76 14.67 17.12 2.13
C LYS B 76 13.57 16.94 1.08
N ASN B 77 13.21 15.69 0.78
CA ASN B 77 12.29 15.39 -0.30
C ASN B 77 12.71 16.05 -1.62
N THR B 78 13.98 15.88 -1.95
CA THR B 78 14.47 16.28 -3.26
C THR B 78 15.05 15.07 -3.96
N VAL B 79 14.92 15.05 -5.29
CA VAL B 79 15.55 14.00 -6.07
C VAL B 79 16.20 14.65 -7.30
N SER B 80 17.39 14.18 -7.62
CA SER B 80 18.09 14.70 -8.78
C SER B 80 18.47 13.55 -9.68
N LEU B 81 18.70 13.85 -10.95
CA LEU B 81 19.09 12.86 -11.94
C LEU B 81 20.24 13.42 -12.75
N GLN B 82 21.42 12.82 -12.63
CA GLN B 82 22.60 13.23 -13.40
C GLN B 82 22.74 12.34 -14.61
N MET B 83 22.66 12.94 -15.79
CA MET B 83 22.72 12.20 -17.04
C MET B 83 24.01 12.50 -17.78
N HIS B 84 24.68 11.43 -18.21
CA HIS B 84 25.88 11.55 -19.01
C HIS B 84 25.68 10.79 -20.32
N SER B 85 26.51 11.09 -21.31
CA SER B 85 26.50 10.36 -22.56
C SER B 85 25.14 10.39 -23.26
N LEU B 86 24.53 11.57 -23.31
CA LEU B 86 23.17 11.70 -23.86
C LEU B 86 23.10 11.43 -25.37
N GLU B 87 22.00 10.81 -25.79
CA GLU B 87 21.78 10.53 -27.22
C GLU B 87 20.51 11.25 -27.66
N PRO B 88 20.35 11.43 -28.99
CA PRO B 88 19.10 11.97 -29.52
C PRO B 88 17.88 11.14 -29.11
N GLU B 89 18.07 9.84 -28.89
CA GLU B 89 16.97 8.97 -28.46
C GLU B 89 16.47 9.30 -27.07
N ASP B 90 17.21 10.14 -26.35
CA ASP B 90 16.85 10.48 -24.97
C ASP B 90 16.01 11.75 -24.94
N THR B 91 15.81 12.36 -26.10
CA THR B 91 14.94 13.53 -26.21
C THR B 91 13.52 13.17 -25.76
N ALA B 92 13.02 13.90 -24.77
CA ALA B 92 11.68 13.67 -24.22
C ALA B 92 11.29 14.74 -23.21
N VAL B 93 10.04 14.70 -22.76
CA VAL B 93 9.62 15.48 -21.59
C VAL B 93 9.89 14.60 -20.38
N TYR B 94 10.68 15.12 -19.44
CA TYR B 94 11.03 14.38 -18.24
C TYR B 94 10.16 14.82 -17.07
N TYR B 95 9.61 13.85 -16.34
CA TYR B 95 8.67 14.11 -15.25
C TYR B 95 9.19 13.60 -13.93
N CYS B 96 9.13 14.44 -12.89
CA CYS B 96 9.35 13.92 -11.55
C CYS B 96 8.10 13.19 -11.03
N ASN B 97 8.31 12.06 -10.35
CA ASN B 97 7.22 11.30 -9.75
C ASN B 97 7.47 11.23 -8.24
N ALA B 98 6.45 11.49 -7.45
CA ALA B 98 6.53 11.36 -5.99
C ALA B 98 5.42 10.40 -5.61
N GLN B 99 5.75 9.37 -4.83
CA GLN B 99 4.76 8.36 -4.43
C GLN B 99 4.59 8.48 -2.94
N LEU B 100 3.42 8.92 -2.48
CA LEU B 100 3.15 9.22 -1.07
C LEU B 100 2.13 8.24 -0.48
N TRP B 101 2.39 7.75 0.71
CA TRP B 101 1.33 6.98 1.41
C TRP B 101 0.35 7.97 2.01
N GLU B 102 -0.92 7.84 1.65
CA GLU B 102 -1.97 8.70 2.21
C GLU B 102 -3.19 7.83 2.50
N ARG B 103 -3.63 7.84 3.76
CA ARG B 103 -4.74 6.98 4.19
C ARG B 103 -4.54 5.53 3.74
N TYR B 104 -3.30 5.06 3.89
CA TYR B 104 -2.91 3.65 3.65
C TYR B 104 -2.99 3.23 2.19
N VAL B 105 -2.95 4.21 1.28
CA VAL B 105 -2.94 3.96 -0.17
C VAL B 105 -1.75 4.74 -0.74
N LEU B 106 -1.08 4.15 -1.72
CA LEU B 106 0.08 4.81 -2.33
C LEU B 106 -0.40 5.61 -3.53
N ASN B 107 -0.28 6.93 -3.42
CA ASN B 107 -0.74 7.86 -4.46
C ASN B 107 0.41 8.44 -5.24
N ASP B 108 0.26 8.49 -6.56
CA ASP B 108 1.26 9.07 -7.47
C ASP B 108 1.00 10.56 -7.70
N TYR B 109 2.06 11.36 -7.72
CA TYR B 109 1.98 12.77 -8.10
C TYR B 109 3.08 13.04 -9.10
N TRP B 110 2.82 13.97 -10.01
CA TRP B 110 3.71 14.21 -11.15
C TRP B 110 4.06 15.68 -11.29
N GLY B 111 5.30 15.95 -11.68
CA GLY B 111 5.70 17.31 -11.99
C GLY B 111 5.07 17.72 -13.30
N GLN B 112 5.16 19.01 -13.65
CA GLN B 112 4.52 19.47 -14.88
C GLN B 112 5.32 19.05 -16.13
N GLY B 113 6.54 18.58 -15.93
CA GLY B 113 7.38 18.09 -17.03
C GLY B 113 8.40 19.11 -17.54
N THR B 114 9.61 18.64 -17.82
CA THR B 114 10.66 19.51 -18.35
C THR B 114 11.22 18.93 -19.64
N GLN B 115 11.25 19.73 -20.70
CA GLN B 115 11.76 19.27 -21.98
C GLN B 115 13.27 19.12 -21.98
N VAL B 116 13.73 17.97 -22.46
CA VAL B 116 15.14 17.72 -22.68
C VAL B 116 15.37 17.40 -24.15
N THR B 117 16.18 18.20 -24.83
CA THR B 117 16.44 17.97 -26.26
C THR B 117 17.93 17.75 -26.53
N VAL B 118 18.24 16.66 -27.22
CA VAL B 118 19.62 16.28 -27.48
C VAL B 118 19.93 16.35 -28.97
#